data_8EA2
#
_entry.id   8EA2
#
_cell.length_a   102.309
_cell.length_b   102.309
_cell.length_c   70.239
_cell.angle_alpha   90.000
_cell.angle_beta   90.000
_cell.angle_gamma   120.000
#
_symmetry.space_group_name_H-M   'P 31 2 1'
#
loop_
_entity.id
_entity.type
_entity.pdbx_description
1 polymer '2-hydroxyisoflavanone dehydratase'
2 water water
#
_entity_poly.entity_id   1
_entity_poly.type   'polypeptide(L)'
_entity_poly.pdbx_seq_one_letter_code
;MSYYHHHHHHLESTSLYKKAGSAAAPFTMANENSNKEIVKEVLPLIRVYKDGTVERLLSSPNVAASPEDPETGVSSKDIV
IAHNPYVSARIFLPNINKSHNKLPIFVYFHGGAFCVESAFSFFVHRYLNILASQANIIAVSVDFRLLPHHPLPAAYEDGW
TTLQWIASHANNTATNPEPWLLNHADFNKLYVGGETSGANLAHNLLLRAGNGNQSLPGDLKILGGLLCCPFFWGSKPIGS
EPVDEHEQSLAMKVWNLACPDAPGGIDNPWINPCVAGAPSLATLGCSKLLVTITGRDEFRDRDILYHDTVKKSGWEGQLE
LFDAGDEEHAFQLFKPETDTAKAMIKRLASFLV
;
_entity_poly.pdbx_strand_id   A
#
# COMPACT_ATOMS: atom_id res chain seq x y z
N GLU A 37 -12.42 -27.64 12.81
CA GLU A 37 -11.15 -28.30 12.48
C GLU A 37 -10.30 -27.53 11.44
N ILE A 38 -9.00 -27.58 11.61
CA ILE A 38 -8.08 -26.63 10.96
C ILE A 38 -7.55 -27.05 9.59
N VAL A 39 -7.84 -26.23 8.58
CA VAL A 39 -7.36 -26.49 7.24
C VAL A 39 -6.04 -25.78 6.94
N LYS A 40 -5.90 -24.54 7.37
CA LYS A 40 -4.66 -23.80 7.13
C LYS A 40 -4.27 -23.01 8.36
N GLU A 41 -2.98 -22.74 8.46
CA GLU A 41 -2.44 -22.02 9.58
C GLU A 41 -1.14 -21.32 9.22
N VAL A 42 -1.07 -20.03 9.50
CA VAL A 42 0.20 -19.30 9.46
C VAL A 42 0.28 -18.45 10.73
N LEU A 43 0.71 -19.09 11.83
CA LEU A 43 0.81 -18.42 13.12
C LEU A 43 1.94 -17.42 13.05
N PRO A 44 1.81 -16.29 13.76
CA PRO A 44 0.67 -15.86 14.58
C PRO A 44 -0.40 -15.12 13.78
N LEU A 45 -0.29 -15.13 12.46
CA LEU A 45 -1.19 -14.29 11.66
C LEU A 45 -2.59 -14.86 11.49
N ILE A 46 -2.70 -16.14 11.16
CA ILE A 46 -4.01 -16.60 10.74
C ILE A 46 -4.31 -18.09 10.87
N ARG A 47 -5.56 -18.40 11.18
CA ARG A 47 -6.05 -19.76 11.27
C ARG A 47 -7.36 -19.89 10.49
N VAL A 48 -7.43 -20.91 9.67
CA VAL A 48 -8.61 -21.13 8.83
C VAL A 48 -9.16 -22.51 9.11
N TYR A 49 -10.46 -22.60 9.31
CA TYR A 49 -11.10 -23.90 9.55
C TYR A 49 -11.82 -24.45 8.32
N LYS A 50 -12.24 -25.72 8.39
CA LYS A 50 -12.96 -26.40 7.29
C LYS A 50 -14.15 -25.58 6.77
N ASP A 51 -14.85 -24.92 7.69
CA ASP A 51 -16.05 -24.17 7.35
C ASP A 51 -15.77 -22.76 6.81
N GLY A 52 -14.51 -22.36 6.82
CA GLY A 52 -14.15 -21.05 6.29
C GLY A 52 -14.29 -19.97 7.32
N THR A 53 -14.49 -20.38 8.57
CA THR A 53 -14.39 -19.47 9.69
C THR A 53 -12.91 -19.20 9.95
N VAL A 54 -12.57 -17.93 10.15
CA VAL A 54 -11.18 -17.52 10.21
C VAL A 54 -10.84 -16.72 11.47
N GLU A 55 -9.80 -17.16 12.19
CA GLU A 55 -9.18 -16.33 13.23
C GLU A 55 -8.02 -15.54 12.64
N ARG A 56 -8.02 -14.24 12.86
CA ARG A 56 -6.91 -13.40 12.45
C ARG A 56 -6.29 -12.71 13.65
N LEU A 57 -5.00 -12.47 13.58
CA LEU A 57 -4.37 -11.49 14.44
C LEU A 57 -5.17 -10.17 14.32
N LEU A 58 -5.40 -9.47 15.44
CA LEU A 58 -6.10 -8.18 15.40
C LEU A 58 -5.35 -7.20 16.28
N SER A 59 -4.62 -6.30 15.65
CA SER A 59 -3.73 -5.38 16.38
C SER A 59 -4.46 -4.12 16.86
N SER A 60 -5.57 -3.77 16.21
CA SER A 60 -6.48 -2.77 16.73
C SER A 60 -7.85 -2.99 16.10
N PRO A 61 -8.91 -2.69 16.86
CA PRO A 61 -10.25 -2.85 16.28
C PRO A 61 -10.59 -1.72 15.32
N ASN A 62 -11.52 -1.98 14.41
CA ASN A 62 -12.01 -0.96 13.49
C ASN A 62 -12.66 0.21 14.23
N VAL A 63 -12.46 1.43 13.74
CA VAL A 63 -13.19 2.56 14.30
C VAL A 63 -14.07 3.17 13.22
N ALA A 64 -15.00 4.01 13.65
CA ALA A 64 -15.95 4.63 12.73
C ALA A 64 -15.34 5.84 12.06
N ALA A 65 -15.80 6.11 10.84
CA ALA A 65 -15.52 7.37 10.15
C ALA A 65 -15.96 8.57 11.00
N SER A 66 -15.34 9.73 10.78
CA SER A 66 -15.65 10.91 11.58
C SER A 66 -15.99 12.12 10.71
N PRO A 67 -17.03 12.87 11.10
CA PRO A 67 -17.41 14.10 10.39
C PRO A 67 -16.31 15.15 10.51
N GLU A 68 -15.54 15.07 11.59
CA GLU A 68 -14.42 15.95 11.86
C GLU A 68 -13.62 15.39 13.03
N ASP A 69 -12.46 14.83 12.74
CA ASP A 69 -11.60 14.28 13.79
C ASP A 69 -11.20 15.39 14.74
N PRO A 70 -11.42 15.17 16.05
CA PRO A 70 -11.13 16.22 17.04
C PRO A 70 -9.68 16.70 16.99
N GLU A 71 -8.72 15.79 16.98
CA GLU A 71 -7.30 16.20 17.02
C GLU A 71 -6.78 16.85 15.75
N THR A 72 -7.21 16.36 14.57
CA THR A 72 -6.57 16.75 13.30
C THR A 72 -7.49 17.60 12.45
N GLY A 73 -8.78 17.50 12.68
CA GLY A 73 -9.75 18.25 11.90
C GLY A 73 -10.08 17.53 10.59
N VAL A 74 -9.55 16.32 10.40
CA VAL A 74 -9.82 15.57 9.18
C VAL A 74 -11.18 14.89 9.21
N SER A 75 -11.94 15.06 8.13
CA SER A 75 -13.20 14.35 7.90
C SER A 75 -12.99 13.04 7.14
N SER A 76 -13.82 12.05 7.45
CA SER A 76 -13.74 10.77 6.77
C SER A 76 -15.13 10.19 6.47
N LYS A 77 -15.22 9.42 5.39
CA LYS A 77 -16.44 8.71 5.01
C LYS A 77 -16.03 7.34 4.53
N ASP A 78 -16.92 6.39 4.75
CA ASP A 78 -16.78 5.03 4.22
C ASP A 78 -17.67 4.86 3.01
N ILE A 79 -17.06 4.46 1.91
CA ILE A 79 -17.76 4.39 0.65
C ILE A 79 -17.51 3.07 -0.07
N VAL A 80 -18.39 2.74 -1.00
CA VAL A 80 -18.23 1.56 -1.82
C VAL A 80 -17.57 1.91 -3.15
N ILE A 81 -16.36 1.40 -3.34
CA ILE A 81 -15.74 1.48 -4.66
C ILE A 81 -16.34 0.50 -5.70
N ALA A 82 -16.62 -0.74 -5.28
CA ALA A 82 -17.22 -1.73 -6.18
C ALA A 82 -17.93 -2.77 -5.35
N HIS A 83 -19.08 -3.20 -5.85
CA HIS A 83 -19.94 -4.10 -5.11
C HIS A 83 -19.50 -5.54 -5.26
N ASN A 84 -18.96 -5.88 -6.42
CA ASN A 84 -18.69 -7.26 -6.72
C ASN A 84 -17.64 -7.44 -7.80
N PRO A 85 -16.44 -7.94 -7.43
CA PRO A 85 -15.97 -8.28 -6.08
C PRO A 85 -16.00 -7.07 -5.16
N TYR A 86 -16.42 -7.26 -3.92
CA TYR A 86 -16.68 -6.13 -3.05
C TYR A 86 -15.38 -5.45 -2.63
N VAL A 87 -15.31 -4.16 -2.90
CA VAL A 87 -14.14 -3.33 -2.56
C VAL A 87 -14.65 -2.03 -1.95
N SER A 88 -14.28 -1.76 -0.70
CA SER A 88 -14.69 -0.52 -0.07
C SER A 88 -13.47 0.30 0.35
N ALA A 89 -13.72 1.46 0.94
CA ALA A 89 -12.63 2.33 1.33
C ALA A 89 -13.08 3.37 2.33
N ARG A 90 -12.12 3.95 3.04
CA ARG A 90 -12.37 5.16 3.79
C ARG A 90 -11.64 6.31 3.13
N ILE A 91 -12.35 7.41 2.91
CA ILE A 91 -11.73 8.57 2.30
C ILE A 91 -11.55 9.68 3.33
N PHE A 92 -10.37 10.31 3.30
CA PHE A 92 -9.99 11.33 4.28
C PHE A 92 -9.82 12.69 3.65
N LEU A 93 -10.50 13.69 4.21
CA LEU A 93 -10.45 15.07 3.71
C LEU A 93 -10.04 16.02 4.81
N PRO A 94 -8.88 16.67 4.65
CA PRO A 94 -8.37 17.59 5.66
C PRO A 94 -9.22 18.85 5.71
N ASN A 95 -9.06 19.62 6.78
CA ASN A 95 -9.75 20.90 6.92
C ASN A 95 -9.56 21.77 5.68
N ILE A 96 -10.67 22.16 5.06
CA ILE A 96 -10.62 23.03 3.90
C ILE A 96 -10.60 24.51 4.34
N ASN A 97 -9.44 25.00 4.75
CA ASN A 97 -9.32 26.38 5.23
C ASN A 97 -9.10 27.40 4.12
N LYS A 98 -8.59 26.92 2.98
CA LYS A 98 -8.50 27.68 1.74
C LYS A 98 -8.99 26.73 0.66
N SER A 99 -9.51 27.26 -0.44
CA SER A 99 -9.90 26.40 -1.54
C SER A 99 -9.45 26.99 -2.88
N HIS A 100 -8.31 27.66 -2.89
CA HIS A 100 -7.71 28.14 -4.14
C HIS A 100 -7.28 26.94 -4.98
N ASN A 101 -6.61 25.99 -4.32
CA ASN A 101 -6.09 24.82 -5.03
C ASN A 101 -6.70 23.53 -4.55
N LYS A 102 -6.75 22.58 -5.48
CA LYS A 102 -7.17 21.23 -5.17
C LYS A 102 -5.99 20.42 -4.63
N LEU A 103 -6.31 19.30 -3.99
CA LEU A 103 -5.35 18.53 -3.21
C LEU A 103 -4.91 17.23 -3.89
N PRO A 104 -3.64 16.86 -3.70
CA PRO A 104 -3.11 15.53 -4.05
C PRO A 104 -3.95 14.41 -3.44
N ILE A 105 -4.05 13.30 -4.17
CA ILE A 105 -4.74 12.12 -3.68
C ILE A 105 -3.71 11.05 -3.32
N PHE A 106 -3.84 10.52 -2.11
CA PHE A 106 -3.00 9.41 -1.70
C PHE A 106 -3.82 8.14 -1.49
N VAL A 107 -3.70 7.21 -2.43
CA VAL A 107 -4.37 5.92 -2.28
C VAL A 107 -3.44 5.04 -1.47
N TYR A 108 -3.96 4.54 -0.35
CA TYR A 108 -3.13 3.85 0.62
C TYR A 108 -3.60 2.42 0.82
N PHE A 109 -2.65 1.48 0.82
CA PHE A 109 -2.97 0.09 1.04
C PHE A 109 -2.29 -0.38 2.33
N HIS A 110 -3.12 -0.81 3.29
CA HIS A 110 -2.60 -1.25 4.59
C HIS A 110 -1.74 -2.50 4.41
N GLY A 111 -0.92 -2.80 5.42
CA GLY A 111 -0.11 -4.02 5.40
C GLY A 111 -0.85 -5.23 5.93
N GLY A 112 -0.11 -6.14 6.58
CA GLY A 112 -0.73 -7.32 7.18
C GLY A 112 -0.58 -8.58 6.35
N ALA A 113 0.51 -8.65 5.58
CA ALA A 113 0.89 -9.88 4.89
C ALA A 113 -0.23 -10.48 4.03
N PHE A 114 -1.00 -9.61 3.37
CA PHE A 114 -2.12 -9.99 2.51
C PHE A 114 -3.25 -10.75 3.19
N CYS A 115 -3.21 -10.91 4.51
CA CYS A 115 -4.22 -11.76 5.14
C CYS A 115 -4.83 -11.17 6.39
N VAL A 116 -4.22 -10.12 6.94
CA VAL A 116 -4.80 -9.46 8.10
C VAL A 116 -4.76 -7.96 7.95
N GLU A 117 -5.25 -7.27 8.96
CA GLU A 117 -5.37 -5.81 8.99
C GLU A 117 -6.53 -5.33 8.14
N SER A 118 -6.70 -4.02 8.08
CA SER A 118 -7.96 -3.46 7.69
C SER A 118 -7.77 -2.01 7.33
N ALA A 119 -8.63 -1.55 6.43
CA ALA A 119 -8.57 -0.19 5.96
C ALA A 119 -9.15 0.76 7.00
N PHE A 120 -9.75 0.20 8.04
CA PHE A 120 -10.57 1.02 8.94
C PHE A 120 -10.08 0.96 10.37
N SER A 121 -8.89 0.41 10.58
CA SER A 121 -8.41 0.20 11.94
C SER A 121 -8.14 1.51 12.66
N PHE A 122 -8.13 1.44 13.98
CA PHE A 122 -7.70 2.52 14.84
C PHE A 122 -6.36 3.09 14.37
N PHE A 123 -5.40 2.21 14.13
CA PHE A 123 -4.09 2.64 13.72
C PHE A 123 -4.09 3.37 12.36
N VAL A 124 -4.80 2.83 11.38
CA VAL A 124 -4.79 3.43 10.04
C VAL A 124 -5.58 4.74 10.01
N HIS A 125 -6.72 4.75 10.70
CA HIS A 125 -7.55 5.92 10.80
C HIS A 125 -6.77 7.09 11.41
N ARG A 126 -6.11 6.81 12.52
CA ARG A 126 -5.42 7.84 13.26
C ARG A 126 -4.18 8.30 12.49
N TYR A 127 -3.55 7.36 11.78
CA TYR A 127 -2.37 7.64 10.97
C TYR A 127 -2.72 8.48 9.75
N LEU A 128 -3.75 8.08 9.02
CA LEU A 128 -4.12 8.82 7.83
C LEU A 128 -4.76 10.16 8.21
N ASN A 129 -5.30 10.28 9.42
CA ASN A 129 -5.80 11.57 9.88
C ASN A 129 -4.62 12.49 10.00
N ILE A 130 -3.54 11.95 10.56
CA ILE A 130 -2.31 12.72 10.74
C ILE A 130 -1.70 13.13 9.39
N LEU A 131 -1.53 12.16 8.51
CA LEU A 131 -0.95 12.41 7.20
C LEU A 131 -1.77 13.42 6.40
N ALA A 132 -3.09 13.22 6.37
CA ALA A 132 -3.98 14.07 5.59
C ALA A 132 -3.88 15.51 6.05
N SER A 133 -3.81 15.70 7.36
CA SER A 133 -3.72 17.04 7.92
C SER A 133 -2.32 17.63 7.77
N GLN A 134 -1.30 16.83 8.03
CA GLN A 134 0.07 17.34 7.95
C GLN A 134 0.49 17.62 6.51
N ALA A 135 0.10 16.75 5.58
CA ALA A 135 0.52 16.89 4.20
C ALA A 135 -0.46 17.74 3.41
N ASN A 136 -1.68 17.89 3.94
CA ASN A 136 -2.74 18.62 3.26
C ASN A 136 -3.12 17.88 1.97
N ILE A 137 -3.57 16.65 2.12
CA ILE A 137 -3.91 15.82 0.99
C ILE A 137 -5.15 15.01 1.27
N ILE A 138 -5.74 14.48 0.22
CA ILE A 138 -6.83 13.53 0.36
C ILE A 138 -6.25 12.13 0.44
N ALA A 139 -6.69 11.35 1.42
CA ALA A 139 -6.24 9.98 1.52
C ALA A 139 -7.36 9.02 1.18
N VAL A 140 -7.00 7.91 0.54
CA VAL A 140 -7.99 6.85 0.32
C VAL A 140 -7.44 5.57 0.87
N SER A 141 -8.07 5.06 1.92
CA SER A 141 -7.63 3.82 2.54
C SER A 141 -8.44 2.65 2.00
N VAL A 142 -7.79 1.81 1.20
CA VAL A 142 -8.49 0.77 0.46
C VAL A 142 -8.68 -0.53 1.23
N ASP A 143 -9.94 -0.97 1.31
CA ASP A 143 -10.24 -2.26 1.89
C ASP A 143 -10.34 -3.30 0.78
N PHE A 144 -9.19 -3.85 0.42
CA PHE A 144 -9.08 -4.85 -0.62
C PHE A 144 -9.28 -6.25 -0.02
N ARG A 145 -9.56 -7.21 -0.89
CA ARG A 145 -9.80 -8.57 -0.45
C ARG A 145 -8.57 -9.28 0.13
N LEU A 146 -8.79 -10.20 1.05
CA LEU A 146 -7.70 -10.88 1.73
C LEU A 146 -7.78 -12.41 1.65
N LEU A 147 -6.64 -13.05 1.90
CA LEU A 147 -6.60 -14.45 2.15
C LEU A 147 -7.36 -14.68 3.43
N PRO A 148 -7.88 -15.90 3.63
CA PRO A 148 -7.71 -17.12 2.83
C PRO A 148 -8.61 -17.20 1.59
N HIS A 149 -9.70 -16.44 1.57
CA HIS A 149 -10.72 -16.65 0.54
C HIS A 149 -10.38 -16.04 -0.82
N HIS A 150 -9.48 -15.07 -0.85
CA HIS A 150 -9.13 -14.43 -2.11
C HIS A 150 -7.61 -14.34 -2.29
N PRO A 151 -7.04 -15.34 -2.95
CA PRO A 151 -5.61 -15.38 -3.26
C PRO A 151 -5.24 -14.26 -4.21
N LEU A 152 -3.98 -13.87 -4.16
CA LEU A 152 -3.45 -12.98 -5.17
C LEU A 152 -3.69 -13.66 -6.52
N PRO A 153 -3.99 -12.87 -7.56
CA PRO A 153 -3.95 -11.41 -7.59
C PRO A 153 -5.24 -10.67 -7.24
N ALA A 154 -6.10 -11.23 -6.40
CA ALA A 154 -7.35 -10.53 -6.05
C ALA A 154 -7.07 -9.12 -5.50
N ALA A 155 -6.12 -9.00 -4.56
CA ALA A 155 -5.81 -7.70 -3.95
C ALA A 155 -5.25 -6.72 -4.96
N TYR A 156 -4.46 -7.24 -5.89
CA TYR A 156 -3.86 -6.46 -6.96
C TYR A 156 -4.99 -5.91 -7.83
N GLU A 157 -5.95 -6.77 -8.13
CA GLU A 157 -7.08 -6.39 -8.97
C GLU A 157 -7.89 -5.33 -8.28
N ASP A 158 -8.03 -5.44 -6.97
CA ASP A 158 -8.84 -4.49 -6.25
C ASP A 158 -8.18 -3.10 -6.25
N GLY A 159 -6.86 -3.06 -6.23
CA GLY A 159 -6.15 -1.79 -6.26
C GLY A 159 -6.33 -1.14 -7.62
N TRP A 160 -6.33 -1.96 -8.66
CA TRP A 160 -6.48 -1.45 -10.01
C TRP A 160 -7.91 -0.90 -10.22
N THR A 161 -8.90 -1.67 -9.76
CA THR A 161 -10.28 -1.20 -9.69
C THR A 161 -10.37 0.15 -8.99
N THR A 162 -9.59 0.34 -7.94
CA THR A 162 -9.62 1.57 -7.18
C THR A 162 -9.14 2.73 -8.04
N LEU A 163 -7.98 2.53 -8.66
CA LEU A 163 -7.41 3.52 -9.56
C LEU A 163 -8.31 3.86 -10.75
N GLN A 164 -8.94 2.86 -11.36
CA GLN A 164 -9.89 3.13 -12.44
C GLN A 164 -11.05 3.98 -11.94
N TRP A 165 -11.57 3.62 -10.77
CA TRP A 165 -12.66 4.34 -10.12
C TRP A 165 -12.29 5.81 -9.90
N ILE A 166 -11.07 6.04 -9.45
CA ILE A 166 -10.57 7.40 -9.28
C ILE A 166 -10.44 8.13 -10.62
N ALA A 167 -9.83 7.50 -11.61
CA ALA A 167 -9.67 8.11 -12.91
C ALA A 167 -11.01 8.42 -13.63
N SER A 168 -12.04 7.62 -13.39
CA SER A 168 -13.33 7.87 -14.02
C SER A 168 -13.99 9.16 -13.50
N HIS A 169 -13.53 9.62 -12.34
CA HIS A 169 -13.98 10.90 -11.81
C HIS A 169 -13.39 12.03 -12.63
N ALA A 170 -12.16 11.85 -13.07
CA ALA A 170 -11.43 12.91 -13.77
C ALA A 170 -11.95 13.17 -15.18
N ASN A 171 -12.37 12.11 -15.87
CA ASN A 171 -12.92 12.29 -17.20
C ASN A 171 -14.45 12.21 -17.25
N ASN A 172 -15.09 12.34 -16.09
CA ASN A 172 -16.54 12.36 -16.01
C ASN A 172 -17.22 11.09 -16.55
N THR A 173 -16.77 9.92 -16.11
CA THR A 173 -17.39 8.68 -16.52
C THR A 173 -17.77 7.84 -15.29
N ALA A 174 -17.75 8.47 -14.12
CA ALA A 174 -18.10 7.78 -12.89
C ALA A 174 -19.60 7.77 -12.71
N THR A 175 -20.16 6.60 -12.51
CA THR A 175 -21.59 6.46 -12.40
C THR A 175 -22.09 6.97 -11.06
N ASN A 176 -21.32 6.73 -10.01
CA ASN A 176 -21.70 7.15 -8.66
C ASN A 176 -20.57 7.93 -7.99
N PRO A 177 -20.38 9.17 -8.44
CA PRO A 177 -19.19 9.95 -8.09
C PRO A 177 -19.14 10.29 -6.61
N GLU A 178 -17.94 10.21 -6.04
CA GLU A 178 -17.69 10.78 -4.73
C GLU A 178 -17.51 12.29 -4.86
N PRO A 179 -18.42 13.07 -4.27
CA PRO A 179 -18.32 14.53 -4.36
C PRO A 179 -16.98 15.09 -3.88
N TRP A 180 -16.38 14.48 -2.86
CA TRP A 180 -15.10 14.96 -2.38
C TRP A 180 -14.02 14.93 -3.47
N LEU A 181 -14.08 13.95 -4.36
CA LEU A 181 -13.09 13.87 -5.43
C LEU A 181 -13.37 14.96 -6.46
N LEU A 182 -14.64 15.08 -6.87
CA LEU A 182 -15.02 16.13 -7.82
C LEU A 182 -14.72 17.52 -7.28
N ASN A 183 -14.87 17.71 -5.98
CA ASN A 183 -14.74 19.05 -5.44
C ASN A 183 -13.34 19.44 -4.99
N HIS A 184 -12.54 18.50 -4.53
CA HIS A 184 -11.30 18.88 -3.85
C HIS A 184 -10.05 18.19 -4.35
N ALA A 185 -10.24 17.23 -5.25
CA ALA A 185 -9.13 16.39 -5.65
C ALA A 185 -8.41 16.93 -6.90
N ASP A 186 -7.08 17.01 -6.80
CA ASP A 186 -6.25 17.33 -7.94
C ASP A 186 -5.82 16.01 -8.58
N PHE A 187 -6.46 15.68 -9.70
CA PHE A 187 -6.25 14.40 -10.36
C PHE A 187 -4.91 14.28 -11.04
N ASN A 188 -4.24 15.41 -11.23
CA ASN A 188 -2.88 15.40 -11.76
C ASN A 188 -1.84 15.10 -10.69
N LYS A 189 -2.29 14.92 -9.46
CA LYS A 189 -1.38 14.62 -8.34
C LYS A 189 -1.84 13.37 -7.58
N LEU A 190 -1.96 12.28 -8.31
CA LEU A 190 -2.29 10.99 -7.75
C LEU A 190 -1.04 10.23 -7.27
N TYR A 191 -1.07 9.88 -5.99
CA TYR A 191 -0.02 9.10 -5.35
C TYR A 191 -0.64 7.79 -4.84
N VAL A 192 0.16 6.74 -4.88
CA VAL A 192 -0.26 5.39 -4.56
C VAL A 192 0.79 4.79 -3.64
N GLY A 193 0.38 4.10 -2.57
CA GLY A 193 1.35 3.52 -1.66
C GLY A 193 0.82 2.65 -0.54
N GLY A 194 1.69 2.30 0.41
CA GLY A 194 1.27 1.61 1.62
C GLY A 194 2.41 1.05 2.45
N GLU A 195 2.10 0.16 3.40
CA GLU A 195 3.12 -0.55 4.17
C GLU A 195 3.20 -2.02 3.78
N THR A 196 4.41 -2.56 3.81
CA THR A 196 4.68 -4.00 3.68
C THR A 196 3.91 -4.65 2.53
N SER A 197 3.04 -5.61 2.82
CA SER A 197 2.24 -6.23 1.75
C SER A 197 1.46 -5.20 0.90
N GLY A 198 0.98 -4.14 1.54
CA GLY A 198 0.30 -3.08 0.83
C GLY A 198 1.23 -2.29 -0.06
N ALA A 199 2.49 -2.15 0.35
CA ALA A 199 3.45 -1.48 -0.49
C ALA A 199 3.82 -2.38 -1.69
N ASN A 200 3.86 -3.69 -1.47
CA ASN A 200 4.02 -4.67 -2.55
C ASN A 200 2.91 -4.51 -3.58
N LEU A 201 1.69 -4.38 -3.07
CA LEU A 201 0.51 -4.18 -3.90
C LEU A 201 0.58 -2.90 -4.75
N ALA A 202 0.92 -1.78 -4.12
CA ALA A 202 1.16 -0.54 -4.86
C ALA A 202 2.21 -0.73 -5.95
N HIS A 203 3.29 -1.43 -5.61
CA HIS A 203 4.37 -1.66 -6.56
C HIS A 203 3.86 -2.36 -7.80
N ASN A 204 3.00 -3.36 -7.60
CA ASN A 204 2.50 -4.11 -8.74
C ASN A 204 1.56 -3.26 -9.57
N LEU A 205 0.88 -2.33 -8.91
CA LEU A 205 0.02 -1.35 -9.58
C LEU A 205 0.81 -0.43 -10.48
N LEU A 206 1.98 0.00 -10.00
CA LEU A 206 2.91 0.84 -10.75
C LEU A 206 3.40 0.16 -12.02
N LEU A 207 3.66 -1.14 -11.92
CA LEU A 207 4.12 -1.94 -13.05
C LEU A 207 3.00 -2.07 -14.06
N ARG A 208 1.79 -2.34 -13.58
CA ARG A 208 0.65 -2.42 -14.49
C ARG A 208 0.44 -1.10 -15.24
N ALA A 209 0.46 0.01 -14.51
CA ALA A 209 0.25 1.32 -15.12
C ALA A 209 1.34 1.64 -16.16
N GLY A 210 2.55 1.14 -15.93
CA GLY A 210 3.67 1.40 -16.81
C GLY A 210 3.72 0.43 -17.98
N ASN A 211 2.80 -0.52 -17.96
CA ASN A 211 2.61 -1.42 -19.07
C ASN A 211 1.87 -0.73 -20.23
N GLY A 212 2.27 -1.07 -21.46
CA GLY A 212 1.76 -0.41 -22.65
C GLY A 212 0.29 -0.62 -22.95
N ASN A 213 -0.15 -1.88 -22.97
CA ASN A 213 -1.56 -2.19 -23.22
C ASN A 213 -2.44 -2.06 -21.97
N GLN A 214 -1.97 -1.29 -20.99
CA GLN A 214 -2.74 -0.99 -19.80
C GLN A 214 -2.97 0.50 -19.67
N SER A 215 -4.21 0.88 -19.42
CA SER A 215 -4.56 2.30 -19.26
C SER A 215 -5.62 2.54 -18.21
N LEU A 216 -5.55 3.69 -17.57
CA LEU A 216 -6.63 4.10 -16.70
C LEU A 216 -7.57 4.89 -17.58
N PRO A 217 -8.85 4.98 -17.20
CA PRO A 217 -9.80 5.86 -17.87
C PRO A 217 -9.19 7.23 -18.13
N GLY A 218 -9.39 7.78 -19.32
CA GLY A 218 -8.85 9.09 -19.65
C GLY A 218 -7.33 9.13 -19.74
N ASP A 219 -6.73 7.94 -19.78
CA ASP A 219 -5.28 7.75 -19.78
C ASP A 219 -4.60 8.51 -18.65
N LEU A 220 -5.24 8.50 -17.49
CA LEU A 220 -4.71 9.19 -16.33
C LEU A 220 -3.41 8.56 -15.85
N LYS A 221 -2.48 9.40 -15.43
CA LYS A 221 -1.17 8.93 -14.98
C LYS A 221 -0.99 9.04 -13.48
N ILE A 222 -0.17 8.17 -12.93
CA ILE A 222 0.18 8.23 -11.52
C ILE A 222 1.39 9.14 -11.33
N LEU A 223 1.26 10.13 -10.45
CA LEU A 223 2.39 11.02 -10.19
C LEU A 223 3.49 10.27 -9.42
N GLY A 224 3.13 9.69 -8.28
CA GLY A 224 4.14 9.18 -7.39
C GLY A 224 3.82 7.86 -6.72
N GLY A 225 4.88 7.16 -6.31
CA GLY A 225 4.76 5.95 -5.55
C GLY A 225 5.47 6.05 -4.21
N LEU A 226 4.77 5.66 -3.15
CA LEU A 226 5.32 5.67 -1.80
C LEU A 226 5.29 4.27 -1.18
N LEU A 227 6.44 3.64 -1.03
CA LEU A 227 6.49 2.25 -0.60
C LEU A 227 7.19 2.12 0.74
N CYS A 228 6.42 1.86 1.79
CA CYS A 228 6.98 1.87 3.13
C CYS A 228 7.28 0.47 3.61
N CYS A 229 8.55 0.13 3.65
CA CYS A 229 9.02 -1.20 3.99
C CYS A 229 8.33 -2.30 3.18
N PRO A 230 8.35 -2.19 1.83
CA PRO A 230 7.58 -3.13 1.02
C PRO A 230 7.98 -4.58 1.23
N PHE A 231 6.96 -5.43 1.23
CA PHE A 231 7.14 -6.88 1.31
C PHE A 231 7.66 -7.42 -0.03
N PHE A 232 8.95 -7.78 -0.04
CA PHE A 232 9.60 -8.46 -1.14
C PHE A 232 10.43 -9.56 -0.50
N TRP A 233 10.71 -10.62 -1.25
CA TRP A 233 11.48 -11.72 -0.71
C TRP A 233 12.10 -12.50 -1.88
N GLY A 234 12.75 -13.62 -1.60
CA GLY A 234 13.34 -14.47 -2.63
C GLY A 234 13.84 -15.79 -2.06
N SER A 235 14.12 -16.75 -2.93
CA SER A 235 14.56 -18.08 -2.50
C SER A 235 15.99 -18.12 -1.95
N LYS A 236 16.74 -17.05 -2.13
CA LYS A 236 18.12 -17.05 -1.63
C LYS A 236 18.38 -15.90 -0.68
N PRO A 237 18.88 -16.22 0.53
CA PRO A 237 19.20 -15.25 1.58
C PRO A 237 20.26 -14.24 1.15
N ILE A 238 19.95 -12.98 1.36
CA ILE A 238 20.83 -11.88 0.97
C ILE A 238 21.11 -11.00 2.18
N GLY A 239 22.21 -10.25 2.12
CA GLY A 239 22.53 -9.29 3.16
C GLY A 239 22.56 -9.86 4.56
N SER A 240 21.79 -9.25 5.46
CA SER A 240 21.76 -9.64 6.86
C SER A 240 20.70 -10.71 7.16
N GLU A 241 20.08 -11.24 6.11
CA GLU A 241 19.10 -12.31 6.29
C GLU A 241 19.75 -13.59 6.79
N PRO A 242 19.14 -14.21 7.82
CA PRO A 242 19.58 -15.50 8.37
C PRO A 242 19.63 -16.59 7.29
N VAL A 243 20.73 -17.31 7.23
CA VAL A 243 21.01 -18.22 6.13
C VAL A 243 20.26 -19.56 6.18
N ASP A 244 20.35 -20.26 7.31
CA ASP A 244 19.83 -21.62 7.38
C ASP A 244 18.31 -21.65 7.56
N GLU A 245 17.80 -20.71 8.30
CA GLU A 245 16.39 -20.67 8.65
C GLU A 245 15.56 -20.17 7.49
N HIS A 246 16.27 -19.68 6.46
CA HIS A 246 15.64 -19.03 5.30
C HIS A 246 14.46 -19.83 4.75
N GLU A 247 14.63 -21.14 4.64
CA GLU A 247 13.59 -21.99 4.07
C GLU A 247 12.34 -22.03 4.94
N GLN A 248 12.50 -21.70 6.23
CA GLN A 248 11.41 -21.74 7.20
C GLN A 248 10.92 -20.33 7.53
N SER A 249 11.39 -19.35 6.78
CA SER A 249 11.05 -17.97 7.07
C SER A 249 9.54 -17.72 6.97
N LEU A 250 9.06 -16.73 7.71
CA LEU A 250 7.64 -16.46 7.75
C LEU A 250 7.16 -15.98 6.38
N ALA A 251 8.03 -15.25 5.69
CA ALA A 251 7.75 -14.82 4.32
C ALA A 251 7.43 -15.97 3.36
N MET A 252 8.13 -17.09 3.49
CA MET A 252 7.86 -18.25 2.65
C MET A 252 6.45 -18.72 2.91
N LYS A 253 6.08 -18.76 4.19
CA LYS A 253 4.76 -19.27 4.57
C LYS A 253 3.65 -18.33 4.07
N VAL A 254 3.90 -17.03 4.22
CA VAL A 254 2.95 -16.02 3.81
C VAL A 254 2.71 -16.04 2.30
N TRP A 255 3.80 -16.18 1.54
CA TRP A 255 3.69 -16.21 0.10
C TRP A 255 3.00 -17.48 -0.42
N ASN A 256 3.23 -18.59 0.26
CA ASN A 256 2.60 -19.85 -0.11
C ASN A 256 1.10 -19.77 0.09
N LEU A 257 0.68 -19.12 1.17
CA LEU A 257 -0.74 -18.90 1.43
C LEU A 257 -1.34 -17.89 0.44
N ALA A 258 -0.64 -16.79 0.20
CA ALA A 258 -1.18 -15.73 -0.65
C ALA A 258 -1.27 -16.16 -2.11
N CYS A 259 -0.30 -16.96 -2.56
CA CYS A 259 -0.22 -17.34 -3.97
C CYS A 259 0.44 -18.69 -4.19
N PRO A 260 -0.24 -19.77 -3.81
CA PRO A 260 0.39 -21.09 -3.90
C PRO A 260 0.67 -21.50 -5.33
N ASP A 261 -0.15 -21.01 -6.25
CA ASP A 261 -0.07 -21.44 -7.64
C ASP A 261 1.01 -20.67 -8.39
N ALA A 262 1.59 -19.69 -7.71
CA ALA A 262 2.62 -18.86 -8.31
C ALA A 262 3.75 -19.69 -8.91
N PRO A 263 4.01 -19.46 -10.21
CA PRO A 263 5.13 -20.09 -10.93
C PRO A 263 6.43 -19.51 -10.42
N GLY A 264 7.38 -20.37 -10.07
CA GLY A 264 8.64 -19.92 -9.50
C GLY A 264 8.56 -19.77 -7.99
N GLY A 265 7.37 -19.96 -7.43
CA GLY A 265 7.19 -19.86 -5.99
C GLY A 265 7.64 -18.51 -5.47
N ILE A 266 8.53 -18.52 -4.48
CA ILE A 266 8.97 -17.30 -3.79
C ILE A 266 9.82 -16.40 -4.70
N ASP A 267 10.14 -16.90 -5.88
CA ASP A 267 10.89 -16.09 -6.84
C ASP A 267 10.03 -15.49 -7.96
N ASN A 268 8.71 -15.68 -7.89
CA ASN A 268 7.80 -15.02 -8.81
C ASN A 268 7.98 -13.51 -8.71
N PRO A 269 8.00 -12.84 -9.86
CA PRO A 269 8.17 -11.38 -9.95
C PRO A 269 7.26 -10.58 -9.01
N TRP A 270 6.09 -11.13 -8.66
CA TRP A 270 5.17 -10.43 -7.76
C TRP A 270 5.75 -10.29 -6.37
N ILE A 271 6.56 -11.25 -5.95
CA ILE A 271 7.13 -11.21 -4.61
C ILE A 271 8.63 -10.88 -4.63
N ASN A 272 9.28 -11.22 -5.75
CA ASN A 272 10.70 -10.96 -5.96
C ASN A 272 10.89 -10.15 -7.23
N PRO A 273 10.88 -8.81 -7.10
CA PRO A 273 10.88 -7.97 -8.30
C PRO A 273 12.27 -7.84 -8.92
N CYS A 274 13.29 -8.33 -8.21
CA CYS A 274 14.64 -8.29 -8.75
C CYS A 274 15.05 -9.60 -9.39
N VAL A 275 14.15 -10.58 -9.37
CA VAL A 275 14.43 -11.87 -9.96
C VAL A 275 14.72 -11.70 -11.44
N ALA A 276 15.65 -12.50 -11.97
CA ALA A 276 15.98 -12.45 -13.38
C ALA A 276 14.74 -12.70 -14.24
N GLY A 277 14.57 -11.90 -15.28
CA GLY A 277 13.46 -12.08 -16.20
C GLY A 277 12.15 -11.43 -15.75
N ALA A 278 12.16 -10.84 -14.56
CA ALA A 278 11.03 -10.03 -14.11
C ALA A 278 10.88 -8.80 -15.02
N PRO A 279 9.71 -8.14 -14.99
CA PRO A 279 9.58 -6.91 -15.77
C PRO A 279 10.58 -5.87 -15.30
N SER A 280 11.15 -5.12 -16.23
CA SER A 280 12.14 -4.12 -15.88
C SER A 280 11.53 -3.02 -15.03
N LEU A 281 12.22 -2.68 -13.96
CA LEU A 281 11.74 -1.63 -13.08
C LEU A 281 11.81 -0.27 -13.77
N ALA A 282 12.38 -0.23 -14.97
CA ALA A 282 12.32 0.96 -15.81
C ALA A 282 10.89 1.27 -16.27
N THR A 283 10.00 0.28 -16.17
CA THR A 283 8.61 0.48 -16.60
C THR A 283 7.67 0.90 -15.46
N LEU A 284 8.19 1.24 -14.29
CA LEU A 284 7.32 1.72 -13.21
C LEU A 284 6.54 2.96 -13.66
N GLY A 285 5.21 2.88 -13.60
CA GLY A 285 4.35 3.89 -14.18
C GLY A 285 4.06 5.12 -13.31
N CYS A 286 5.13 5.76 -12.84
CA CYS A 286 5.02 7.04 -12.16
C CYS A 286 6.26 7.84 -12.47
N SER A 287 6.38 9.02 -11.87
CA SER A 287 7.54 9.87 -12.15
C SER A 287 8.31 10.23 -10.88
N LYS A 288 7.73 9.95 -9.72
CA LYS A 288 8.47 10.05 -8.47
C LYS A 288 8.20 8.85 -7.58
N LEU A 289 9.23 8.44 -6.84
CA LEU A 289 9.19 7.20 -6.09
C LEU A 289 10.03 7.27 -4.84
N LEU A 290 9.37 7.17 -3.70
CA LEU A 290 10.06 7.15 -2.43
C LEU A 290 9.94 5.75 -1.83
N VAL A 291 11.10 5.16 -1.56
CA VAL A 291 11.17 3.91 -0.80
C VAL A 291 11.58 4.20 0.63
N THR A 292 10.82 3.65 1.56
CA THR A 292 11.04 3.87 2.97
C THR A 292 11.50 2.58 3.62
N ILE A 293 12.52 2.67 4.48
CA ILE A 293 13.03 1.49 5.20
C ILE A 293 13.21 1.75 6.67
N THR A 294 13.37 0.69 7.44
CA THR A 294 13.73 0.84 8.84
C THR A 294 14.82 -0.14 9.25
N GLY A 295 15.37 0.07 10.43
CA GLY A 295 16.50 -0.72 10.89
C GLY A 295 16.18 -2.15 11.23
N ARG A 296 15.01 -2.38 11.83
CA ARG A 296 14.67 -3.67 12.43
C ARG A 296 13.71 -4.47 11.56
N ASP A 297 13.32 -3.87 10.45
CA ASP A 297 12.46 -4.55 9.49
C ASP A 297 13.19 -5.73 8.87
N GLU A 298 12.51 -6.87 8.77
CA GLU A 298 13.05 -8.05 8.10
C GLU A 298 13.22 -7.84 6.59
N PHE A 299 12.61 -6.82 6.03
CA PHE A 299 12.66 -6.60 4.60
C PHE A 299 13.70 -5.55 4.22
N ARG A 300 14.46 -5.08 5.19
CA ARG A 300 15.38 -3.99 4.96
C ARG A 300 16.24 -4.23 3.73
N ASP A 301 16.96 -5.35 3.70
CA ASP A 301 17.87 -5.63 2.58
C ASP A 301 17.14 -5.84 1.23
N ARG A 302 15.94 -6.40 1.28
CA ARG A 302 15.16 -6.57 0.05
C ARG A 302 14.79 -5.18 -0.47
N ASP A 303 14.32 -4.33 0.44
CA ASP A 303 13.94 -2.98 0.10
C ASP A 303 15.13 -2.21 -0.47
N ILE A 304 16.29 -2.40 0.15
CA ILE A 304 17.52 -1.76 -0.31
C ILE A 304 17.92 -2.26 -1.69
N LEU A 305 17.78 -3.57 -1.93
CA LEU A 305 18.11 -4.11 -3.23
C LEU A 305 17.16 -3.55 -4.29
N TYR A 306 15.88 -3.46 -3.93
CA TYR A 306 14.84 -2.98 -4.83
C TYR A 306 15.10 -1.55 -5.31
N HIS A 307 15.37 -0.65 -4.36
CA HIS A 307 15.70 0.73 -4.70
C HIS A 307 16.91 0.77 -5.64
N ASP A 308 17.93 -0.01 -5.31
CA ASP A 308 19.17 0.05 -6.03
C ASP A 308 18.96 -0.47 -7.43
N THR A 309 18.13 -1.50 -7.56
CA THR A 309 17.75 -2.00 -8.87
C THR A 309 16.99 -0.95 -9.68
N VAL A 310 16.08 -0.23 -9.04
CA VAL A 310 15.36 0.83 -9.74
C VAL A 310 16.36 1.90 -10.24
N LYS A 311 17.33 2.20 -9.40
CA LYS A 311 18.33 3.19 -9.70
C LYS A 311 19.10 2.82 -10.97
N LYS A 312 19.49 1.56 -11.07
CA LYS A 312 20.31 1.14 -12.20
C LYS A 312 19.49 0.36 -13.23
N SER A 313 18.17 0.51 -13.20
CA SER A 313 17.29 -0.11 -14.17
C SER A 313 17.17 0.77 -15.41
N GLY A 314 17.48 2.05 -15.22
CA GLY A 314 17.31 3.05 -16.27
C GLY A 314 16.08 3.91 -16.07
N TRP A 315 15.29 3.62 -15.02
CA TRP A 315 14.06 4.37 -14.76
C TRP A 315 14.34 5.87 -14.72
N GLU A 316 13.41 6.66 -15.25
CA GLU A 316 13.66 8.07 -15.53
C GLU A 316 13.23 9.06 -14.46
N GLY A 317 12.50 8.61 -13.44
CA GLY A 317 11.89 9.52 -12.49
C GLY A 317 12.76 10.00 -11.34
N GLN A 318 12.15 10.70 -10.39
CA GLN A 318 12.82 11.10 -9.17
C GLN A 318 12.76 9.92 -8.21
N LEU A 319 13.92 9.32 -7.94
CA LEU A 319 14.01 8.16 -7.07
C LEU A 319 14.57 8.57 -5.73
N GLU A 320 13.92 8.17 -4.65
CA GLU A 320 14.32 8.61 -3.33
C GLU A 320 14.28 7.47 -2.33
N LEU A 321 15.15 7.57 -1.33
CA LEU A 321 15.22 6.59 -0.27
C LEU A 321 15.24 7.29 1.09
N PHE A 322 14.53 6.72 2.06
CA PHE A 322 14.51 7.27 3.40
C PHE A 322 14.63 6.16 4.45
N ASP A 323 15.67 6.26 5.26
CA ASP A 323 15.92 5.32 6.34
C ASP A 323 15.34 5.92 7.59
N ALA A 324 14.20 5.39 8.01
CA ALA A 324 13.38 5.99 9.05
C ALA A 324 13.99 5.87 10.44
N GLY A 325 14.96 4.98 10.62
CA GLY A 325 15.65 4.82 11.88
C GLY A 325 15.55 3.42 12.50
N ASP A 326 15.95 3.33 13.77
CA ASP A 326 16.01 2.04 14.46
C ASP A 326 14.64 1.58 14.94
N GLU A 327 13.81 1.17 13.99
CA GLU A 327 12.40 0.89 14.26
C GLU A 327 11.93 -0.36 13.54
N GLU A 328 10.72 -0.83 13.87
CA GLU A 328 10.06 -1.93 13.17
C GLU A 328 9.27 -1.37 12.01
N HIS A 329 8.97 -2.23 11.03
CA HIS A 329 7.75 -2.16 10.23
C HIS A 329 6.76 -1.17 10.76
N ALA A 330 6.39 -0.14 10.03
CA ALA A 330 5.15 0.59 10.37
C ALA A 330 5.11 1.15 11.78
N PHE A 331 6.28 1.50 12.32
CA PHE A 331 6.37 1.96 13.71
C PHE A 331 5.59 3.25 13.89
N GLN A 332 5.51 4.03 12.82
CA GLN A 332 4.94 5.37 12.88
C GLN A 332 3.43 5.30 13.06
N LEU A 333 2.80 4.22 12.58
CA LEU A 333 1.37 4.06 12.84
C LEU A 333 1.12 3.72 14.31
N PHE A 334 2.07 3.02 14.93
CA PHE A 334 1.87 2.53 16.29
C PHE A 334 2.24 3.55 17.36
N LYS A 335 3.27 4.34 17.07
CA LYS A 335 3.80 5.34 18.01
C LYS A 335 4.02 6.68 17.32
N PRO A 336 2.93 7.32 16.88
CA PRO A 336 3.05 8.51 16.03
C PRO A 336 3.60 9.74 16.75
N GLU A 337 3.85 9.62 18.04
CA GLU A 337 4.25 10.77 18.84
C GLU A 337 5.77 10.84 19.03
N THR A 338 6.48 9.80 18.62
CA THR A 338 7.94 9.82 18.76
C THR A 338 8.59 10.77 17.77
N ASP A 339 9.77 11.26 18.14
CA ASP A 339 10.52 12.15 17.26
C ASP A 339 10.77 11.49 15.92
N THR A 340 11.01 10.19 15.98
CA THR A 340 11.32 9.40 14.81
C THR A 340 10.09 9.29 13.91
N ALA A 341 8.91 9.13 14.51
CA ALA A 341 7.66 9.05 13.75
C ALA A 341 7.30 10.42 13.17
N LYS A 342 7.49 11.45 13.99
CA LYS A 342 7.22 12.81 13.55
C LYS A 342 8.13 13.19 12.39
N ALA A 343 9.40 12.78 12.47
CA ALA A 343 10.34 13.04 11.41
C ALA A 343 9.95 12.30 10.14
N MET A 344 9.36 11.12 10.30
CA MET A 344 8.95 10.37 9.13
C MET A 344 7.74 11.03 8.45
N ILE A 345 6.76 11.41 9.25
CA ILE A 345 5.57 12.06 8.74
C ILE A 345 5.93 13.35 7.98
N LYS A 346 6.86 14.11 8.54
CA LYS A 346 7.34 15.33 7.91
C LYS A 346 7.99 15.03 6.56
N ARG A 347 8.81 13.99 6.52
CA ARG A 347 9.46 13.57 5.27
C ARG A 347 8.44 13.18 4.19
N LEU A 348 7.42 12.43 4.61
CA LEU A 348 6.36 12.01 3.70
C LEU A 348 5.56 13.20 3.20
N ALA A 349 5.27 14.13 4.11
CA ALA A 349 4.55 15.37 3.77
C ALA A 349 5.22 16.10 2.61
N SER A 350 6.54 16.18 2.66
CA SER A 350 7.30 16.84 1.61
C SER A 350 7.37 16.01 0.33
N PHE A 351 6.94 14.76 0.39
CA PHE A 351 6.92 13.92 -0.80
C PHE A 351 5.55 13.92 -1.46
N LEU A 352 4.51 13.78 -0.64
CA LEU A 352 3.13 13.79 -1.11
C LEU A 352 2.72 15.22 -1.38
N VAL A 353 3.11 15.73 -2.54
CA VAL A 353 3.08 17.15 -2.69
C VAL A 353 2.55 17.58 -4.06
#